data_8QRV
#
_entry.id   8QRV
#
_cell.length_a   1.00
_cell.length_b   1.00
_cell.length_c   1.00
_cell.angle_alpha   90.00
_cell.angle_beta   90.00
_cell.angle_gamma   90.00
#
_symmetry.space_group_name_H-M   'P 1'
#
loop_
_entity.id
_entity.type
_entity.pdbx_description
1 polymer 'Neutral amino acid transporter B(0)'
2 non-polymer 'SODIUM ION'
#
_entity_poly.entity_id   1
_entity_poly.type   'polypeptide(L)'
_entity_poly.pdbx_seq_one_letter_code
;MVADPPRDSKGLAAAEPTANGGLALASIEDQGAAAGGYCGSRDQVRRCLRANLLVLLTVVAVVAGVALGLGVSGAGGALA
LGPERLSAFVFPGELLLRLLRMIILPLVVCSLIGGAASLDPGALGRLGAWALLFFLVTTLLASALGVGLALALQPGAASA
AINASVGAAGSAENAPSKEVLDSFLDLARNIFPSNLVSAAFRSYSTTYEERNITGTRVKVPVGQEVEGMNILGLVVFAIV
FGVALRKLGPEGELLIRFFNSFNEATMVLVSWIMWYAPVGIMFLVAGKIVEMEDVGLLFARLGKYILCCLLGHAIHGLLV
LPLIYFLFTRKNPYRFLWGIVTPLATAFGTSSSSATLPLMMKCVEENNGVAKHISRFILPIGATVNMDGAALFQCVAAVF
IAQLSQQSLDFVKIITILVTATASSVGAAGIPAGGVLTLAIILEAVNLPVDHISLILAVDWLVDRSCTVLNVEGDALGAG
LLQNYVDRTESRSTEPELIQVKSELPLDPLPVPTEEGNPLLKHYRGPAGDATVASEKESVMHHHHHH
;
_entity_poly.pdbx_strand_id   B
#
loop_
_chem_comp.id
_chem_comp.type
_chem_comp.name
_chem_comp.formula
NA non-polymer 'SODIUM ION' 'Na 1'
#
# COMPACT_ATOMS: atom_id res chain seq x y z
N LEU A 49 5.78 22.53 -20.12
CA LEU A 49 6.58 21.32 -20.07
C LEU A 49 5.75 20.18 -19.46
N ARG A 50 5.74 19.04 -20.14
CA ARG A 50 4.76 18.00 -19.84
C ARG A 50 4.97 17.41 -18.45
N ALA A 51 6.23 17.29 -18.00
CA ALA A 51 6.49 16.74 -16.68
C ALA A 51 5.87 17.61 -15.59
N ASN A 52 5.98 18.93 -15.73
CA ASN A 52 5.30 19.85 -14.83
C ASN A 52 3.83 19.98 -15.13
N LEU A 53 3.42 19.82 -16.39
CA LEU A 53 2.01 19.92 -16.72
C LEU A 53 1.20 18.82 -16.05
N LEU A 54 1.73 17.60 -16.03
CA LEU A 54 1.01 16.50 -15.39
C LEU A 54 0.89 16.73 -13.88
N VAL A 55 1.95 17.23 -13.25
CA VAL A 55 1.89 17.53 -11.82
C VAL A 55 0.88 18.63 -11.53
N LEU A 56 0.88 19.68 -12.35
CA LEU A 56 -0.08 20.76 -12.17
C LEU A 56 -1.51 20.26 -12.35
N LEU A 57 -1.74 19.42 -13.36
CA LEU A 57 -3.07 18.86 -13.56
C LEU A 57 -3.49 17.99 -12.39
N THR A 58 -2.56 17.21 -11.84
CA THR A 58 -2.89 16.36 -10.70
C THR A 58 -3.25 17.19 -9.47
N VAL A 59 -2.47 18.24 -9.19
CA VAL A 59 -2.76 19.09 -8.04
C VAL A 59 -4.10 19.79 -8.22
N VAL A 60 -4.34 20.32 -9.41
CA VAL A 60 -5.61 20.99 -9.71
C VAL A 60 -6.76 20.00 -9.58
N ALA A 61 -6.55 18.76 -10.01
CA ALA A 61 -7.59 17.74 -9.91
C ALA A 61 -7.92 17.43 -8.47
N VAL A 62 -6.90 17.30 -7.62
CA VAL A 62 -7.16 17.02 -6.20
C VAL A 62 -7.91 18.18 -5.55
N VAL A 63 -7.46 19.41 -5.81
CA VAL A 63 -8.11 20.56 -5.20
C VAL A 63 -9.55 20.68 -5.68
N ALA A 64 -9.77 20.53 -6.99
CA ALA A 64 -11.11 20.63 -7.55
C ALA A 64 -11.99 19.48 -7.07
N GLY A 65 -11.43 18.30 -6.86
CA GLY A 65 -12.22 17.21 -6.32
C GLY A 65 -12.68 17.49 -4.91
N VAL A 66 -11.80 18.00 -4.05
CA VAL A 66 -12.20 18.35 -2.69
C VAL A 66 -13.27 19.43 -2.72
N ALA A 67 -13.06 20.47 -3.55
CA ALA A 67 -14.03 21.56 -3.62
C ALA A 67 -15.38 21.07 -4.14
N LEU A 68 -15.37 20.25 -5.18
CA LEU A 68 -16.61 19.73 -5.74
C LEU A 68 -17.34 18.83 -4.76
N GLY A 69 -16.61 17.99 -4.03
CA GLY A 69 -17.25 17.16 -3.03
C GLY A 69 -17.88 17.98 -1.92
N LEU A 70 -17.17 19.01 -1.44
CA LEU A 70 -17.76 19.88 -0.41
C LEU A 70 -18.98 20.60 -0.94
N GLY A 71 -18.93 21.08 -2.18
CA GLY A 71 -20.08 21.77 -2.75
C GLY A 71 -21.28 20.86 -2.92
N VAL A 72 -21.05 19.64 -3.41
CA VAL A 72 -22.15 18.68 -3.59
C VAL A 72 -22.75 18.30 -2.25
N SER A 73 -21.91 18.04 -1.25
CA SER A 73 -22.42 17.71 0.08
C SER A 73 -23.20 18.87 0.67
N GLY A 74 -22.73 20.10 0.45
CA GLY A 74 -23.44 21.27 0.96
C GLY A 74 -24.72 21.59 0.22
N ALA A 75 -24.89 21.08 -1.00
CA ALA A 75 -26.10 21.33 -1.77
C ALA A 75 -27.16 20.25 -1.57
N GLY A 76 -26.90 19.26 -0.72
CA GLY A 76 -27.85 18.19 -0.49
C GLY A 76 -27.20 16.83 -0.35
N GLY A 77 -26.04 16.66 -0.96
CA GLY A 77 -25.29 15.43 -0.80
C GLY A 77 -25.96 14.24 -1.45
N ALA A 78 -25.72 13.06 -0.88
CA ALA A 78 -26.26 11.83 -1.44
C ALA A 78 -27.78 11.80 -1.38
N LEU A 79 -28.36 12.43 -0.36
CA LEU A 79 -29.81 12.45 -0.24
C LEU A 79 -30.45 13.18 -1.42
N ALA A 80 -29.90 14.33 -1.79
CA ALA A 80 -30.39 15.02 -2.99
C ALA A 80 -30.04 14.23 -4.24
N LEU A 81 -28.84 13.67 -4.31
CA LEU A 81 -28.44 12.89 -5.47
C LEU A 81 -29.24 11.60 -5.57
N GLY A 82 -29.32 10.84 -4.49
CA GLY A 82 -29.87 9.51 -4.53
C GLY A 82 -28.78 8.49 -4.80
N PRO A 83 -29.07 7.20 -4.60
CA PRO A 83 -28.02 6.18 -4.80
C PRO A 83 -27.62 6.02 -6.25
N GLU A 84 -28.60 6.06 -7.16
CA GLU A 84 -28.30 5.95 -8.59
C GLU A 84 -27.37 7.07 -9.03
N ARG A 85 -27.74 8.31 -8.74
CA ARG A 85 -26.93 9.44 -9.15
C ARG A 85 -25.61 9.48 -8.38
N LEU A 86 -25.58 8.95 -7.15
CA LEU A 86 -24.32 8.88 -6.42
C LEU A 86 -23.34 7.94 -7.12
N SER A 87 -23.81 6.76 -7.51
CA SER A 87 -22.95 5.82 -8.22
C SER A 87 -22.51 6.40 -9.56
N ALA A 88 -23.43 7.04 -10.29
CA ALA A 88 -23.06 7.66 -11.56
C ALA A 88 -22.00 8.75 -11.36
N PHE A 89 -22.15 9.54 -10.30
CA PHE A 89 -21.18 10.60 -10.01
C PHE A 89 -19.81 10.02 -9.67
N VAL A 90 -19.79 8.95 -8.88
CA VAL A 90 -18.52 8.33 -8.50
C VAL A 90 -17.87 7.56 -9.65
N PHE A 91 -18.64 7.21 -10.67
CA PHE A 91 -18.16 6.27 -11.69
C PHE A 91 -16.78 6.54 -12.28
N PRO A 92 -16.40 7.78 -12.63
CA PRO A 92 -15.06 7.96 -13.24
C PRO A 92 -13.90 7.49 -12.38
N GLY A 93 -13.99 7.64 -11.05
CA GLY A 93 -12.96 7.10 -10.19
C GLY A 93 -12.88 5.59 -10.26
N GLU A 94 -14.06 4.95 -10.29
CA GLU A 94 -14.10 3.51 -10.46
C GLU A 94 -13.48 3.09 -11.79
N LEU A 95 -13.72 3.88 -12.84
CA LEU A 95 -13.13 3.60 -14.14
C LEU A 95 -11.62 3.69 -14.09
N LEU A 96 -11.10 4.71 -13.41
CA LEU A 96 -9.64 4.82 -13.25
C LEU A 96 -9.07 3.64 -12.49
N LEU A 97 -9.76 3.21 -11.42
CA LEU A 97 -9.28 2.06 -10.67
C LEU A 97 -9.29 0.80 -11.52
N ARG A 98 -10.33 0.61 -12.34
CA ARG A 98 -10.39 -0.55 -13.22
C ARG A 98 -9.25 -0.51 -14.23
N LEU A 99 -8.98 0.66 -14.82
CA LEU A 99 -7.89 0.77 -15.77
C LEU A 99 -6.55 0.45 -15.13
N LEU A 100 -6.33 0.96 -13.91
CA LEU A 100 -5.06 0.68 -13.23
C LEU A 100 -4.93 -0.79 -12.87
N ARG A 101 -6.00 -1.41 -12.40
CA ARG A 101 -5.92 -2.80 -11.97
C ARG A 101 -5.88 -3.78 -13.13
N MET A 102 -6.30 -3.36 -14.32
CA MET A 102 -6.26 -4.26 -15.47
C MET A 102 -4.83 -4.64 -15.85
N ILE A 103 -3.92 -3.67 -15.81
CA ILE A 103 -2.55 -3.86 -16.29
C ILE A 103 -1.59 -4.27 -15.19
N ILE A 104 -2.08 -4.63 -14.01
CA ILE A 104 -1.19 -5.01 -12.92
C ILE A 104 -0.51 -6.34 -13.24
N LEU A 105 -1.29 -7.33 -13.67
CA LEU A 105 -0.76 -8.67 -13.86
C LEU A 105 0.32 -8.73 -14.93
N PRO A 106 0.08 -8.29 -16.17
CA PRO A 106 1.16 -8.36 -17.16
C PRO A 106 2.37 -7.54 -16.78
N LEU A 107 2.14 -6.34 -16.24
CA LEU A 107 3.25 -5.49 -15.83
C LEU A 107 4.12 -6.18 -14.79
N VAL A 108 3.51 -6.66 -13.72
CA VAL A 108 4.28 -7.29 -12.64
C VAL A 108 5.00 -8.53 -13.14
N VAL A 109 4.29 -9.40 -13.85
CA VAL A 109 4.89 -10.67 -14.26
C VAL A 109 6.05 -10.43 -15.22
N CYS A 110 5.82 -9.63 -16.27
CA CYS A 110 6.86 -9.41 -17.26
C CYS A 110 8.03 -8.64 -16.66
N SER A 111 7.75 -7.62 -15.85
CA SER A 111 8.82 -6.82 -15.26
C SER A 111 9.70 -7.68 -14.35
N LEU A 112 9.08 -8.52 -13.52
CA LEU A 112 9.86 -9.33 -12.61
C LEU A 112 10.65 -10.41 -13.35
N ILE A 113 10.06 -11.02 -14.39
CA ILE A 113 10.79 -12.03 -15.14
C ILE A 113 11.99 -11.39 -15.83
N GLY A 114 11.79 -10.23 -16.46
CA GLY A 114 12.90 -9.54 -17.10
C GLY A 114 13.97 -9.11 -16.11
N GLY A 115 13.56 -8.61 -14.94
CA GLY A 115 14.52 -8.16 -13.96
C GLY A 115 15.34 -9.30 -13.38
N ALA A 116 14.70 -10.42 -13.05
CA ALA A 116 15.42 -11.56 -12.51
C ALA A 116 16.33 -12.18 -13.57
N ALA A 117 15.87 -12.26 -14.82
CA ALA A 117 16.64 -12.89 -15.87
C ALA A 117 17.80 -12.03 -16.36
N SER A 118 17.87 -10.76 -15.96
CA SER A 118 18.90 -9.86 -16.45
C SER A 118 20.04 -9.66 -15.46
N LEU A 119 20.05 -10.37 -14.34
CA LEU A 119 21.08 -10.22 -13.33
C LEU A 119 21.63 -11.58 -12.94
N ASP A 120 22.91 -11.60 -12.58
CA ASP A 120 23.52 -12.82 -12.08
C ASP A 120 22.84 -13.24 -10.79
N PRO A 121 22.66 -14.54 -10.56
CA PRO A 121 21.94 -14.98 -9.34
C PRO A 121 22.54 -14.47 -8.06
N GLY A 122 23.87 -14.39 -7.95
CA GLY A 122 24.48 -13.82 -6.76
C GLY A 122 24.18 -12.34 -6.61
N ALA A 123 24.31 -11.59 -7.71
CA ALA A 123 24.01 -10.16 -7.66
C ALA A 123 22.55 -9.91 -7.35
N LEU A 124 21.66 -10.69 -7.97
CA LEU A 124 20.23 -10.56 -7.69
C LEU A 124 19.92 -10.89 -6.24
N GLY A 125 20.55 -11.94 -5.70
CA GLY A 125 20.34 -12.28 -4.31
C GLY A 125 20.81 -11.20 -3.36
N ARG A 126 21.98 -10.61 -3.63
CA ARG A 126 22.46 -9.53 -2.78
C ARG A 126 21.55 -8.31 -2.87
N LEU A 127 21.10 -7.97 -4.07
CA LEU A 127 20.19 -6.84 -4.22
C LEU A 127 18.88 -7.08 -3.47
N GLY A 128 18.33 -8.30 -3.57
CA GLY A 128 17.11 -8.61 -2.86
C GLY A 128 17.30 -8.59 -1.35
N ALA A 129 18.44 -9.07 -0.88
CA ALA A 129 18.73 -9.05 0.56
C ALA A 129 18.80 -7.61 1.07
N TRP A 130 19.49 -6.74 0.33
CA TRP A 130 19.56 -5.34 0.73
C TRP A 130 18.18 -4.69 0.71
N ALA A 131 17.37 -5.00 -0.31
CA ALA A 131 16.03 -4.45 -0.38
C ALA A 131 15.18 -4.89 0.80
N LEU A 132 15.26 -6.18 1.16
CA LEU A 132 14.49 -6.68 2.29
C LEU A 132 14.95 -6.05 3.59
N LEU A 133 16.27 -5.88 3.76
CA LEU A 133 16.76 -5.21 4.95
C LEU A 133 16.24 -3.78 5.05
N PHE A 134 16.27 -3.05 3.93
CA PHE A 134 15.75 -1.69 3.93
C PHE A 134 14.27 -1.66 4.28
N PHE A 135 13.49 -2.57 3.68
CA PHE A 135 12.06 -2.61 3.96
C PHE A 135 11.79 -2.89 5.43
N LEU A 136 12.49 -3.87 5.99
CA LEU A 136 12.28 -4.22 7.40
C LEU A 136 12.67 -3.08 8.33
N VAL A 137 13.81 -2.43 8.06
CA VAL A 137 14.25 -1.35 8.93
C VAL A 137 13.28 -0.18 8.85
N THR A 138 12.81 0.16 7.65
CA THR A 138 11.86 1.26 7.52
C THR A 138 10.55 0.93 8.22
N THR A 139 10.06 -0.31 8.09
CA THR A 139 8.82 -0.68 8.78
C THR A 139 8.99 -0.61 10.29
N LEU A 140 10.13 -1.07 10.81
CA LEU A 140 10.37 -1.00 12.25
C LEU A 140 10.41 0.46 12.70
N LEU A 141 11.07 1.32 11.94
CA LEU A 141 11.13 2.74 12.32
C LEU A 141 9.75 3.37 12.31
N ALA A 142 8.93 3.03 11.31
CA ALA A 142 7.58 3.56 11.25
C ALA A 142 6.75 3.10 12.45
N SER A 143 6.85 1.81 12.79
CA SER A 143 6.11 1.30 13.94
C SER A 143 6.56 1.97 15.24
N ALA A 144 7.87 2.14 15.42
CA ALA A 144 8.37 2.78 16.62
C ALA A 144 7.91 4.23 16.70
N LEU A 145 7.94 4.94 15.58
CA LEU A 145 7.48 6.33 15.57
C LEU A 145 6.00 6.41 15.91
N GLY A 146 5.19 5.51 15.34
CA GLY A 146 3.77 5.52 15.65
C GLY A 146 3.49 5.27 17.11
N VAL A 147 4.17 4.27 17.69
CA VAL A 147 3.98 3.96 19.10
C VAL A 147 4.43 5.14 19.96
N GLY A 148 5.55 5.76 19.62
CA GLY A 148 6.03 6.89 20.41
C GLY A 148 5.08 8.06 20.37
N LEU A 149 4.56 8.40 19.18
CA LEU A 149 3.62 9.50 19.08
C LEU A 149 2.33 9.19 19.81
N ALA A 150 1.83 7.96 19.70
CA ALA A 150 0.60 7.60 20.41
C ALA A 150 0.78 7.68 21.91
N LEU A 151 1.94 7.26 22.42
CA LEU A 151 2.18 7.37 23.86
C LEU A 151 2.36 8.82 24.29
N ALA A 152 2.98 9.65 23.44
CA ALA A 152 3.24 11.03 23.84
C ALA A 152 1.96 11.86 23.84
N LEU A 153 1.13 11.72 22.80
CA LEU A 153 -0.07 12.54 22.69
C LEU A 153 -1.26 11.99 23.45
N GLN A 154 -1.28 10.69 23.71
CA GLN A 154 -2.38 10.03 24.42
C GLN A 154 -3.74 10.33 23.78
N PRO A 155 -3.99 9.80 22.58
CA PRO A 155 -5.30 10.03 21.95
C PRO A 155 -6.46 9.39 22.70
N GLY A 156 -6.19 8.41 23.57
CA GLY A 156 -7.22 7.72 24.30
C GLY A 156 -7.67 8.37 25.58
N ALA A 157 -7.18 9.57 25.89
CA ALA A 157 -7.56 10.23 27.12
C ALA A 157 -8.98 10.77 27.10
N ALA A 158 -9.56 10.96 25.90
CA ALA A 158 -10.90 11.53 25.81
C ALA A 158 -11.94 10.61 26.46
N SER A 159 -11.97 9.33 26.05
CA SER A 159 -12.88 8.34 26.59
C SER A 159 -14.33 8.80 26.53
N ALA A 160 -14.71 9.40 25.39
CA ALA A 160 -16.07 9.91 25.22
C ALA A 160 -17.07 8.82 24.87
N ALA A 161 -16.62 7.62 24.54
CA ALA A 161 -17.51 6.54 24.15
C ALA A 161 -16.94 5.19 24.58
N SER A 177 -12.77 -13.62 14.54
CA SER A 177 -11.97 -13.36 13.34
C SER A 177 -10.89 -14.43 13.16
N LYS A 178 -10.08 -14.25 12.12
CA LYS A 178 -9.03 -15.22 11.80
C LYS A 178 -7.94 -15.20 12.87
N GLU A 179 -7.41 -16.38 13.17
CA GLU A 179 -6.38 -16.52 14.18
C GLU A 179 -5.01 -16.11 13.62
N VAL A 180 -4.03 -16.01 14.53
CA VAL A 180 -2.68 -15.65 14.12
C VAL A 180 -2.07 -16.75 13.26
N LEU A 181 -2.13 -17.99 13.75
CA LEU A 181 -1.51 -19.10 13.03
C LEU A 181 -2.17 -19.32 11.68
N ASP A 182 -3.51 -19.22 11.62
CA ASP A 182 -4.20 -19.38 10.35
C ASP A 182 -3.84 -18.26 9.39
N SER A 183 -3.68 -17.03 9.89
CA SER A 183 -3.29 -15.93 9.02
C SER A 183 -1.90 -16.16 8.43
N PHE A 184 -0.95 -16.62 9.25
CA PHE A 184 0.38 -16.85 8.72
C PHE A 184 0.43 -18.05 7.79
N LEU A 185 -0.36 -19.09 8.07
CA LEU A 185 -0.44 -20.22 7.15
C LEU A 185 -1.07 -19.79 5.82
N ASP A 186 -2.06 -18.90 5.87
CA ASP A 186 -2.63 -18.36 4.65
C ASP A 186 -1.60 -17.57 3.86
N LEU A 187 -0.77 -16.78 4.57
CA LEU A 187 0.29 -16.05 3.88
C LEU A 187 1.27 -17.01 3.20
N ALA A 188 1.64 -18.08 3.90
CA ALA A 188 2.55 -19.06 3.32
C ALA A 188 1.92 -19.76 2.11
N ARG A 189 0.63 -20.06 2.20
CA ARG A 189 -0.08 -20.67 1.07
C ARG A 189 -0.15 -19.73 -0.12
N ASN A 190 -0.35 -18.43 0.14
CA ASN A 190 -0.42 -17.47 -0.94
C ASN A 190 0.94 -17.23 -1.57
N ILE A 191 2.02 -17.43 -0.81
CA ILE A 191 3.36 -17.29 -1.39
C ILE A 191 3.57 -18.33 -2.49
N PHE A 192 3.17 -19.56 -2.25
CA PHE A 192 3.29 -20.64 -3.22
C PHE A 192 1.91 -21.01 -3.76
N PRO A 193 1.43 -20.37 -4.82
CA PRO A 193 0.07 -20.63 -5.29
C PRO A 193 -0.07 -22.04 -5.83
N SER A 194 -1.26 -22.61 -5.64
CA SER A 194 -1.54 -23.94 -6.16
C SER A 194 -1.77 -23.93 -7.66
N ASN A 195 -2.33 -22.85 -8.19
CA ASN A 195 -2.60 -22.72 -9.61
C ASN A 195 -2.29 -21.29 -10.03
N LEU A 196 -1.57 -21.14 -11.14
CA LEU A 196 -1.18 -19.81 -11.58
C LEU A 196 -2.36 -19.03 -12.16
N VAL A 197 -3.17 -19.69 -13.01
CA VAL A 197 -4.33 -19.02 -13.59
C VAL A 197 -5.31 -18.61 -12.51
N SER A 198 -5.55 -19.49 -11.53
CA SER A 198 -6.38 -19.12 -10.40
C SER A 198 -5.73 -18.01 -9.57
N ALA A 199 -4.41 -18.07 -9.38
CA ALA A 199 -3.73 -17.02 -8.64
C ALA A 199 -3.80 -15.68 -9.33
N ALA A 200 -4.11 -15.66 -10.63
CA ALA A 200 -4.27 -14.40 -11.33
C ALA A 200 -5.48 -13.60 -10.87
N PHE A 201 -6.45 -14.23 -10.20
CA PHE A 201 -7.58 -13.46 -9.67
C PHE A 201 -8.11 -13.98 -8.34
N ARG A 202 -7.47 -14.95 -7.68
CA ARG A 202 -7.97 -15.48 -6.43
C ARG A 202 -6.84 -15.64 -5.43
N SER A 203 -7.20 -15.62 -4.15
CA SER A 203 -6.26 -15.78 -3.05
C SER A 203 -6.83 -16.75 -2.03
N TYR A 204 -5.95 -17.50 -1.36
CA TYR A 204 -6.37 -18.45 -0.35
C TYR A 204 -6.70 -17.74 0.95
N SER A 205 -7.88 -18.03 1.50
CA SER A 205 -8.31 -17.45 2.77
C SER A 205 -8.92 -18.54 3.63
N THR A 206 -8.69 -18.46 4.93
CA THR A 206 -9.14 -19.50 5.86
C THR A 206 -10.46 -19.11 6.51
N THR A 207 -11.42 -20.01 6.45
CA THR A 207 -12.70 -19.86 7.13
C THR A 207 -12.90 -21.04 8.06
N TYR A 208 -13.82 -20.89 9.00
CA TYR A 208 -14.02 -21.84 10.07
C TYR A 208 -15.38 -22.52 9.98
N GLU A 209 -15.42 -23.78 10.39
CA GLU A 209 -16.65 -24.55 10.48
C GLU A 209 -16.74 -25.18 11.86
N GLU A 210 -17.94 -25.19 12.43
CA GLU A 210 -18.16 -25.72 13.78
C GLU A 210 -18.42 -27.23 13.72
N ARG A 211 -17.35 -27.97 13.43
CA ARG A 211 -17.42 -29.42 13.41
C ARG A 211 -17.23 -30.00 14.81
N ARG A 217 -18.92 -28.35 19.91
CA ARG A 217 -18.98 -27.19 19.03
C ARG A 217 -17.60 -26.60 18.79
N VAL A 218 -16.63 -27.48 18.52
CA VAL A 218 -15.25 -27.06 18.30
C VAL A 218 -15.09 -26.63 16.85
N LYS A 219 -14.63 -25.39 16.66
CA LYS A 219 -14.41 -24.87 15.32
C LYS A 219 -13.11 -25.40 14.73
N VAL A 220 -13.13 -25.66 13.42
CA VAL A 220 -11.94 -26.10 12.70
C VAL A 220 -11.80 -25.25 11.44
N PRO A 221 -10.58 -24.97 10.99
CA PRO A 221 -10.41 -24.20 9.76
C PRO A 221 -10.65 -25.05 8.52
N VAL A 222 -11.12 -24.41 7.47
CA VAL A 222 -11.37 -25.09 6.21
C VAL A 222 -10.56 -24.43 5.09
N GLY A 223 -10.85 -23.16 4.80
CA GLY A 223 -10.11 -22.44 3.81
C GLY A 223 -10.55 -22.71 2.39
N GLN A 224 -10.55 -21.67 1.56
CA GLN A 224 -10.94 -21.76 0.16
C GLN A 224 -10.38 -20.55 -0.56
N GLU A 225 -10.51 -20.55 -1.88
CA GLU A 225 -10.01 -19.46 -2.71
C GLU A 225 -11.12 -18.42 -2.88
N VAL A 226 -10.82 -17.19 -2.47
CA VAL A 226 -11.76 -16.06 -2.54
C VAL A 226 -11.22 -15.06 -3.55
N GLU A 227 -12.10 -14.17 -4.01
CA GLU A 227 -11.72 -13.22 -5.03
C GLU A 227 -10.70 -12.22 -4.50
N GLY A 228 -9.85 -11.74 -5.40
CA GLY A 228 -8.75 -10.88 -5.03
C GLY A 228 -7.44 -11.41 -5.58
N MET A 229 -6.70 -10.58 -6.30
CA MET A 229 -5.49 -11.03 -6.96
C MET A 229 -4.43 -11.46 -5.94
N ASN A 230 -3.66 -12.48 -6.31
CA ASN A 230 -2.57 -12.99 -5.48
C ASN A 230 -1.27 -12.42 -6.01
N ILE A 231 -0.99 -11.17 -5.61
CA ILE A 231 0.19 -10.49 -6.11
C ILE A 231 1.47 -11.13 -5.59
N LEU A 232 1.46 -11.56 -4.33
CA LEU A 232 2.68 -12.11 -3.72
C LEU A 232 3.09 -13.41 -4.40
N GLY A 233 2.14 -14.30 -4.65
CA GLY A 233 2.47 -15.55 -5.31
C GLY A 233 2.96 -15.35 -6.72
N LEU A 234 2.33 -14.44 -7.46
CA LEU A 234 2.78 -14.13 -8.81
C LEU A 234 4.17 -13.54 -8.79
N VAL A 235 4.46 -12.67 -7.81
CA VAL A 235 5.80 -12.08 -7.69
C VAL A 235 6.84 -13.17 -7.47
N VAL A 236 6.56 -14.07 -6.53
CA VAL A 236 7.53 -15.12 -6.21
C VAL A 236 7.75 -16.02 -7.42
N PHE A 237 6.67 -16.43 -8.08
CA PHE A 237 6.80 -17.30 -9.24
C PHE A 237 7.56 -16.60 -10.37
N ALA A 238 7.28 -15.32 -10.59
CA ALA A 238 7.95 -14.59 -11.65
C ALA A 238 9.45 -14.48 -11.38
N ILE A 239 9.82 -14.19 -10.13
CA ILE A 239 11.24 -14.10 -9.80
C ILE A 239 11.93 -15.44 -10.01
N VAL A 240 11.32 -16.53 -9.54
CA VAL A 240 11.94 -17.84 -9.70
C VAL A 240 12.03 -18.22 -11.18
N PHE A 241 11.00 -17.90 -11.95
CA PHE A 241 11.03 -18.21 -13.38
C PHE A 241 12.09 -17.40 -14.11
N GLY A 242 12.28 -16.13 -13.72
CA GLY A 242 13.36 -15.36 -14.30
C GLY A 242 14.72 -15.93 -13.97
N VAL A 243 14.91 -16.39 -12.73
CA VAL A 243 16.16 -17.03 -12.36
C VAL A 243 16.38 -18.28 -13.21
N ALA A 244 15.33 -19.08 -13.41
CA ALA A 244 15.45 -20.27 -14.25
C ALA A 244 15.80 -19.93 -15.68
N LEU A 245 15.18 -18.88 -16.24
CA LEU A 245 15.49 -18.47 -17.60
C LEU A 245 16.93 -18.00 -17.73
N ARG A 246 17.43 -17.27 -16.72
CA ARG A 246 18.84 -16.91 -16.71
C ARG A 246 19.72 -18.15 -16.67
N LYS A 247 19.32 -19.15 -15.88
CA LYS A 247 20.12 -20.37 -15.77
C LYS A 247 20.13 -21.16 -17.08
N LEU A 248 19.06 -21.05 -17.88
CA LEU A 248 18.97 -21.86 -19.09
C LEU A 248 20.09 -21.52 -20.07
N GLY A 249 20.38 -20.23 -20.25
CA GLY A 249 21.37 -19.82 -21.21
C GLY A 249 20.74 -19.32 -22.49
N PRO A 250 21.30 -19.70 -23.64
CA PRO A 250 20.72 -19.26 -24.92
C PRO A 250 19.28 -19.67 -25.11
N GLU A 251 18.90 -20.87 -24.65
CA GLU A 251 17.54 -21.36 -24.87
C GLU A 251 16.51 -20.40 -24.32
N GLY A 252 16.76 -19.83 -23.15
CA GLY A 252 15.84 -18.89 -22.56
C GLY A 252 15.85 -17.51 -23.16
N GLU A 253 16.89 -17.16 -23.93
CA GLU A 253 17.02 -15.79 -24.41
C GLU A 253 15.76 -15.32 -25.12
N LEU A 254 15.26 -16.12 -26.05
CA LEU A 254 14.04 -15.76 -26.76
C LEU A 254 12.93 -15.39 -25.79
N LEU A 255 12.67 -16.28 -24.82
CA LEU A 255 11.61 -16.00 -23.84
C LEU A 255 11.86 -14.68 -23.16
N ILE A 256 13.10 -14.43 -22.72
CA ILE A 256 13.42 -13.15 -22.08
C ILE A 256 13.02 -12.01 -22.99
N ARG A 257 13.48 -12.06 -24.25
CA ARG A 257 13.12 -11.03 -25.20
C ARG A 257 11.61 -10.85 -25.24
N PHE A 258 10.88 -11.96 -25.40
CA PHE A 258 9.43 -11.88 -25.47
C PHE A 258 8.89 -11.12 -24.28
N PHE A 259 9.28 -11.54 -23.07
CA PHE A 259 8.72 -10.88 -21.89
C PHE A 259 9.10 -9.41 -21.87
N ASN A 260 10.36 -9.10 -22.20
CA ASN A 260 10.77 -7.71 -22.24
C ASN A 260 9.87 -6.93 -23.18
N SER A 261 9.67 -7.44 -24.39
CA SER A 261 8.79 -6.75 -25.34
C SER A 261 7.42 -6.53 -24.71
N PHE A 262 6.85 -7.59 -24.13
CA PHE A 262 5.54 -7.46 -23.52
C PHE A 262 5.54 -6.33 -22.51
N ASN A 263 6.54 -6.30 -21.63
CA ASN A 263 6.59 -5.28 -20.60
C ASN A 263 6.59 -3.89 -21.23
N GLU A 264 7.40 -3.70 -22.26
CA GLU A 264 7.46 -2.39 -22.91
C GLU A 264 6.09 -2.00 -23.43
N ALA A 265 5.38 -2.95 -24.06
CA ALA A 265 4.06 -2.64 -24.56
C ALA A 265 3.16 -2.15 -23.44
N THR A 266 3.20 -2.83 -22.29
CA THR A 266 2.36 -2.40 -21.18
C THR A 266 2.73 -0.99 -20.74
N MET A 267 4.03 -0.67 -20.74
CA MET A 267 4.44 0.67 -20.38
C MET A 267 3.78 1.71 -21.26
N VAL A 268 3.65 1.41 -22.56
CA VAL A 268 3.00 2.36 -23.46
C VAL A 268 1.58 2.64 -22.98
N LEU A 269 0.85 1.57 -22.62
CA LEU A 269 -0.51 1.77 -22.12
C LEU A 269 -0.51 2.66 -20.88
N VAL A 270 0.47 2.49 -20.00
CA VAL A 270 0.53 3.33 -18.81
C VAL A 270 0.64 4.79 -19.21
N SER A 271 1.48 5.08 -20.22
CA SER A 271 1.69 6.45 -20.64
C SER A 271 0.40 7.10 -21.13
N TRP A 272 -0.61 6.31 -21.46
CA TRP A 272 -1.92 6.85 -21.76
C TRP A 272 -2.80 6.93 -20.53
N ILE A 273 -2.84 5.86 -19.73
CA ILE A 273 -3.70 5.84 -18.56
C ILE A 273 -3.32 6.95 -17.59
N MET A 274 -2.03 7.28 -17.54
CA MET A 274 -1.56 8.36 -16.68
C MET A 274 -2.30 9.66 -16.99
N TRP A 275 -2.55 9.94 -18.27
CA TRP A 275 -3.22 11.18 -18.62
C TRP A 275 -4.68 11.18 -18.22
N TYR A 276 -5.27 10.02 -17.97
CA TYR A 276 -6.60 9.98 -17.39
C TYR A 276 -6.57 10.01 -15.86
N ALA A 277 -5.39 9.88 -15.27
CA ALA A 277 -5.28 9.85 -13.81
C ALA A 277 -5.85 11.08 -13.13
N PRO A 278 -5.54 12.32 -13.55
CA PRO A 278 -6.13 13.46 -12.84
C PRO A 278 -7.65 13.49 -12.88
N VAL A 279 -8.25 13.34 -14.07
CA VAL A 279 -9.70 13.44 -14.20
C VAL A 279 -10.38 12.43 -13.29
N GLY A 280 -9.87 11.21 -13.23
CA GLY A 280 -10.40 10.24 -12.28
C GLY A 280 -10.19 10.66 -10.84
N ILE A 281 -8.97 11.08 -10.50
CA ILE A 281 -8.62 11.31 -9.10
C ILE A 281 -9.59 12.30 -8.47
N MET A 282 -9.86 13.41 -9.17
CA MET A 282 -10.84 14.38 -8.70
C MET A 282 -12.11 13.68 -8.25
N PHE A 283 -12.77 12.97 -9.16
CA PHE A 283 -13.99 12.29 -8.78
C PHE A 283 -13.74 11.28 -7.67
N LEU A 284 -12.61 10.57 -7.75
CA LEU A 284 -12.33 9.53 -6.77
C LEU A 284 -12.23 10.10 -5.37
N VAL A 285 -11.95 11.40 -5.24
CA VAL A 285 -11.99 11.98 -3.91
C VAL A 285 -13.32 12.64 -3.64
N ALA A 286 -13.93 13.26 -4.66
CA ALA A 286 -15.15 14.03 -4.44
C ALA A 286 -16.25 13.16 -3.89
N GLY A 287 -16.55 12.05 -4.55
CA GLY A 287 -17.55 11.13 -4.04
C GLY A 287 -17.18 10.62 -2.66
N LYS A 288 -15.89 10.41 -2.41
CA LYS A 288 -15.45 9.92 -1.12
C LYS A 288 -15.72 10.90 0.01
N ILE A 289 -15.82 12.19 -0.29
CA ILE A 289 -16.23 13.13 0.75
C ILE A 289 -17.69 13.51 0.62
N VAL A 290 -18.39 12.97 -0.38
CA VAL A 290 -19.84 13.13 -0.45
C VAL A 290 -20.55 11.97 0.23
N GLU A 291 -20.03 10.75 0.08
CA GLU A 291 -20.64 9.59 0.71
C GLU A 291 -20.63 9.72 2.24
N MET A 292 -19.55 10.21 2.81
CA MET A 292 -19.47 10.38 4.25
C MET A 292 -20.30 11.56 4.71
N GLU A 293 -20.68 11.53 5.99
CA GLU A 293 -21.43 12.62 6.60
C GLU A 293 -21.03 12.74 8.06
N ASP A 294 -21.56 13.77 8.72
CA ASP A 294 -21.27 14.05 10.12
C ASP A 294 -19.76 14.23 10.34
N VAL A 295 -19.15 15.04 9.49
CA VAL A 295 -17.71 15.27 9.55
C VAL A 295 -17.33 15.90 10.89
N GLY A 296 -18.09 16.91 11.30
CA GLY A 296 -17.76 17.60 12.54
C GLY A 296 -17.85 16.71 13.76
N LEU A 297 -18.90 15.88 13.83
CA LEU A 297 -19.05 14.97 14.96
C LEU A 297 -17.93 13.95 15.00
N LEU A 298 -17.59 13.36 13.86
CA LEU A 298 -16.53 12.35 13.83
C LEU A 298 -15.19 12.97 14.20
N PHE A 299 -14.91 14.18 13.72
CA PHE A 299 -13.67 14.84 14.10
C PHE A 299 -13.66 15.19 15.59
N ALA A 300 -14.78 15.67 16.13
CA ALA A 300 -14.83 15.94 17.57
C ALA A 300 -14.60 14.68 18.37
N ARG A 301 -15.05 13.53 17.84
CA ARG A 301 -14.85 12.27 18.54
C ARG A 301 -13.40 11.79 18.48
N LEU A 302 -12.78 11.83 17.30
CA LEU A 302 -11.49 11.18 17.10
C LEU A 302 -10.40 12.14 16.63
N GLY A 303 -10.44 13.39 17.08
CA GLY A 303 -9.44 14.35 16.65
C GLY A 303 -8.04 13.95 17.05
N LYS A 304 -7.86 13.53 18.30
CA LYS A 304 -6.53 13.17 18.77
C LYS A 304 -5.99 11.96 18.02
N TYR A 305 -6.83 10.95 17.79
CA TYR A 305 -6.39 9.76 17.08
C TYR A 305 -6.04 10.06 15.62
N ILE A 306 -6.90 10.84 14.95
CA ILE A 306 -6.63 11.20 13.56
C ILE A 306 -5.35 12.03 13.47
N LEU A 307 -5.17 12.95 14.40
CA LEU A 307 -3.96 13.77 14.43
C LEU A 307 -2.73 12.91 14.66
N CYS A 308 -2.83 11.92 15.56
CA CYS A 308 -1.69 11.03 15.79
C CYS A 308 -1.32 10.28 14.53
N CYS A 309 -2.30 9.69 13.85
CA CYS A 309 -2.01 8.92 12.64
C CYS A 309 -1.42 9.82 11.56
N LEU A 310 -2.06 10.96 11.32
CA LEU A 310 -1.62 11.84 10.23
C LEU A 310 -0.24 12.45 10.53
N LEU A 311 0.01 12.83 11.78
CA LEU A 311 1.30 13.38 12.14
C LEU A 311 2.40 12.32 12.04
N GLY A 312 2.10 11.08 12.44
CA GLY A 312 3.06 10.01 12.26
C GLY A 312 3.39 9.78 10.80
N HIS A 313 2.37 9.76 9.94
CA HIS A 313 2.61 9.59 8.51
C HIS A 313 3.41 10.75 7.95
N ALA A 314 3.09 11.98 8.34
CA ALA A 314 3.81 13.14 7.84
C ALA A 314 5.26 13.15 8.30
N ILE A 315 5.51 12.77 9.55
CA ILE A 315 6.88 12.74 10.04
C ILE A 315 7.67 11.64 9.35
N HIS A 316 7.06 10.48 9.13
CA HIS A 316 7.78 9.39 8.47
C HIS A 316 8.05 9.72 7.00
N GLY A 317 7.12 10.39 6.33
CA GLY A 317 7.28 10.64 4.92
C GLY A 317 8.08 11.89 4.57
N LEU A 318 7.98 12.93 5.39
CA LEU A 318 8.62 14.19 5.06
C LEU A 318 9.93 14.39 5.82
N LEU A 319 10.18 13.63 6.89
CA LEU A 319 11.40 13.81 7.67
C LEU A 319 12.26 12.56 7.71
N VAL A 320 11.71 11.40 8.05
CA VAL A 320 12.53 10.23 8.34
C VAL A 320 13.05 9.59 7.05
N LEU A 321 12.13 9.21 6.15
CA LEU A 321 12.55 8.57 4.90
C LEU A 321 13.45 9.45 4.05
N PRO A 322 13.13 10.73 3.81
CA PRO A 322 14.10 11.58 3.11
C PRO A 322 15.41 11.74 3.85
N LEU A 323 15.41 11.72 5.19
CA LEU A 323 16.67 11.78 5.92
C LEU A 323 17.52 10.55 5.64
N ILE A 324 16.91 9.37 5.64
CA ILE A 324 17.66 8.15 5.32
C ILE A 324 18.17 8.21 3.89
N TYR A 325 17.33 8.66 2.96
CA TYR A 325 17.74 8.78 1.56
C TYR A 325 18.92 9.72 1.41
N PHE A 326 18.88 10.86 2.10
CA PHE A 326 19.99 11.82 2.03
C PHE A 326 21.25 11.25 2.66
N LEU A 327 21.11 10.54 3.78
CA LEU A 327 22.28 9.98 4.45
C LEU A 327 22.97 8.94 3.56
N PHE A 328 22.19 8.09 2.90
CA PHE A 328 22.79 7.08 2.05
C PHE A 328 23.08 7.61 0.65
N THR A 329 22.30 8.57 0.17
CA THR A 329 22.45 9.16 -1.16
C THR A 329 22.46 10.67 -0.98
N ARG A 330 23.63 11.29 -1.16
CA ARG A 330 23.80 12.70 -0.81
C ARG A 330 22.94 13.64 -1.67
N LYS A 331 22.18 13.09 -2.61
CA LYS A 331 21.33 13.91 -3.46
C LYS A 331 20.12 14.43 -2.67
N ASN A 332 19.44 15.39 -3.27
CA ASN A 332 18.26 15.98 -2.64
C ASN A 332 17.12 14.97 -2.64
N PRO A 333 16.53 14.66 -1.49
CA PRO A 333 15.44 13.68 -1.46
C PRO A 333 14.11 14.27 -1.92
N TYR A 334 13.90 15.57 -1.67
CA TYR A 334 12.65 16.19 -2.07
C TYR A 334 12.60 16.43 -3.57
N ARG A 335 13.75 16.61 -4.21
CA ARG A 335 13.77 16.59 -5.67
C ARG A 335 13.34 15.24 -6.20
N PHE A 336 13.75 14.16 -5.53
CA PHE A 336 13.27 12.83 -5.88
C PHE A 336 11.76 12.71 -5.68
N LEU A 337 11.26 13.25 -4.56
CA LEU A 337 9.82 13.15 -4.29
C LEU A 337 9.01 13.95 -5.29
N TRP A 338 9.57 15.05 -5.79
CA TRP A 338 8.86 15.87 -6.78
C TRP A 338 8.59 15.10 -8.05
N GLY A 339 9.43 14.12 -8.38
CA GLY A 339 9.24 13.33 -9.58
C GLY A 339 8.16 12.27 -9.49
N ILE A 340 7.63 12.01 -8.30
CA ILE A 340 6.62 10.98 -8.13
C ILE A 340 5.35 11.59 -7.51
N VAL A 341 5.09 12.85 -7.83
CA VAL A 341 3.90 13.51 -7.29
C VAL A 341 2.64 12.83 -7.79
N THR A 342 2.58 12.53 -9.09
CA THR A 342 1.39 11.92 -9.66
C THR A 342 1.08 10.54 -9.08
N PRO A 343 2.04 9.60 -8.99
CA PRO A 343 1.71 8.33 -8.33
C PRO A 343 1.31 8.47 -6.87
N LEU A 344 1.89 9.43 -6.14
CA LEU A 344 1.50 9.61 -4.75
C LEU A 344 0.04 10.07 -4.64
N ALA A 345 -0.36 11.03 -5.47
CA ALA A 345 -1.75 11.48 -5.43
C ALA A 345 -2.69 10.41 -5.94
N THR A 346 -2.24 9.60 -6.90
CA THR A 346 -3.05 8.47 -7.34
C THR A 346 -3.23 7.45 -6.21
N ALA A 347 -2.18 7.21 -5.43
CA ALA A 347 -2.29 6.33 -4.27
C ALA A 347 -3.26 6.91 -3.25
N PHE A 348 -3.21 8.22 -3.03
CA PHE A 348 -4.17 8.85 -2.13
C PHE A 348 -5.60 8.70 -2.63
N GLY A 349 -5.80 8.90 -3.94
CA GLY A 349 -7.15 8.80 -4.48
C GLY A 349 -7.69 7.38 -4.43
N THR A 350 -6.87 6.40 -4.82
CA THR A 350 -7.33 5.01 -4.92
C THR A 350 -7.21 4.24 -3.63
N SER A 351 -6.31 4.65 -2.73
CA SER A 351 -6.03 3.92 -1.49
C SER A 351 -5.62 2.48 -1.74
N SER A 352 -4.83 2.26 -2.79
CA SER A 352 -4.33 0.93 -3.12
C SER A 352 -2.93 1.06 -3.71
N SER A 353 -1.97 0.35 -3.14
CA SER A 353 -0.58 0.44 -3.60
C SER A 353 -0.39 -0.26 -4.93
N SER A 354 -1.01 -1.42 -5.11
CA SER A 354 -0.85 -2.17 -6.35
C SER A 354 -1.37 -1.38 -7.54
N ALA A 355 -2.52 -0.72 -7.38
CA ALA A 355 -3.10 0.03 -8.50
C ALA A 355 -2.20 1.18 -8.92
N THR A 356 -1.57 1.87 -7.98
CA THR A 356 -0.68 2.97 -8.32
C THR A 356 0.74 2.52 -8.61
N LEU A 357 1.02 1.22 -8.51
CA LEU A 357 2.36 0.73 -8.86
C LEU A 357 2.80 1.05 -10.29
N PRO A 358 1.99 0.82 -11.34
CA PRO A 358 2.49 1.11 -12.69
C PRO A 358 2.90 2.56 -12.91
N LEU A 359 2.12 3.50 -12.38
CA LEU A 359 2.47 4.91 -12.51
C LEU A 359 3.76 5.20 -11.77
N MET A 360 3.96 4.58 -10.61
CA MET A 360 5.19 4.81 -9.86
C MET A 360 6.40 4.27 -10.62
N MET A 361 6.27 3.09 -11.23
CA MET A 361 7.38 2.60 -12.05
C MET A 361 7.67 3.55 -13.21
N LYS A 362 6.62 4.02 -13.87
CA LYS A 362 6.80 4.95 -14.99
C LYS A 362 7.54 6.21 -14.55
N CYS A 363 7.10 6.82 -13.44
CA CYS A 363 7.71 8.07 -12.98
C CYS A 363 9.13 7.85 -12.47
N VAL A 364 9.35 6.77 -11.71
CA VAL A 364 10.68 6.51 -11.17
C VAL A 364 11.68 6.28 -12.30
N GLU A 365 11.27 5.52 -13.33
CA GLU A 365 12.16 5.31 -14.46
C GLU A 365 12.37 6.60 -15.25
N GLU A 366 11.30 7.34 -15.51
CA GLU A 366 11.39 8.50 -16.41
C GLU A 366 11.91 9.74 -15.69
N ASN A 367 11.17 10.22 -14.69
CA ASN A 367 11.51 11.48 -14.05
C ASN A 367 12.84 11.38 -13.30
N ASN A 368 13.06 10.28 -12.61
CA ASN A 368 14.30 10.07 -11.88
C ASN A 368 15.24 9.16 -12.68
N GLY A 369 16.49 9.10 -12.23
CA GLY A 369 17.52 8.38 -12.95
C GLY A 369 17.63 6.90 -12.64
N VAL A 370 16.61 6.32 -12.00
CA VAL A 370 16.68 4.91 -11.60
C VAL A 370 16.74 4.02 -12.83
N ALA A 371 17.63 3.03 -12.78
CA ALA A 371 17.80 2.10 -13.90
C ALA A 371 16.55 1.25 -14.08
N LYS A 372 16.42 0.70 -15.28
CA LYS A 372 15.22 -0.06 -15.63
C LYS A 372 15.10 -1.34 -14.80
N HIS A 373 16.18 -2.13 -14.77
CA HIS A 373 16.13 -3.41 -14.06
C HIS A 373 15.96 -3.20 -12.56
N ILE A 374 16.66 -2.23 -11.99
CA ILE A 374 16.56 -1.98 -10.55
C ILE A 374 15.13 -1.59 -10.17
N SER A 375 14.54 -0.67 -10.92
CA SER A 375 13.18 -0.24 -10.63
C SER A 375 12.19 -1.39 -10.80
N ARG A 376 12.26 -2.07 -11.95
CA ARG A 376 11.30 -3.14 -12.23
C ARG A 376 11.51 -4.37 -11.36
N PHE A 377 12.63 -4.47 -10.64
CA PHE A 377 12.78 -5.54 -9.68
C PHE A 377 12.39 -5.14 -8.27
N ILE A 378 12.68 -3.90 -7.87
CA ILE A 378 12.43 -3.49 -6.48
C ILE A 378 10.99 -3.07 -6.27
N LEU A 379 10.45 -2.24 -7.17
CA LEU A 379 9.12 -1.70 -6.95
C LEU A 379 8.04 -2.78 -6.86
N PRO A 380 7.99 -3.78 -7.74
CA PRO A 380 6.97 -4.84 -7.56
C PRO A 380 7.09 -5.59 -6.24
N ILE A 381 8.31 -5.82 -5.76
CA ILE A 381 8.49 -6.52 -4.50
C ILE A 381 8.05 -5.63 -3.34
N GLY A 382 8.46 -4.37 -3.35
CA GLY A 382 8.06 -3.45 -2.31
C GLY A 382 6.57 -3.22 -2.25
N ALA A 383 5.91 -3.25 -3.41
CA ALA A 383 4.46 -3.03 -3.46
C ALA A 383 3.70 -4.10 -2.70
N THR A 384 4.33 -5.23 -2.40
CA THR A 384 3.71 -6.28 -1.61
C THR A 384 4.33 -6.45 -0.23
N VAL A 385 5.60 -6.08 -0.05
CA VAL A 385 6.28 -6.33 1.22
C VAL A 385 6.32 -5.08 2.08
N ASN A 386 6.64 -3.93 1.48
CA ASN A 386 6.87 -2.69 2.21
C ASN A 386 5.52 -2.00 2.44
N MET A 387 5.09 -1.94 3.71
CA MET A 387 3.82 -1.37 4.11
C MET A 387 4.00 -0.47 5.33
N ASP A 388 4.96 0.46 5.25
CA ASP A 388 5.32 1.29 6.39
C ASP A 388 4.12 1.99 7.01
N GLY A 389 3.29 2.64 6.18
CA GLY A 389 2.15 3.37 6.69
C GLY A 389 1.14 2.48 7.39
N ALA A 390 0.92 1.28 6.85
CA ALA A 390 0.00 0.35 7.49
C ALA A 390 0.50 -0.04 8.87
N ALA A 391 1.80 -0.31 9.00
CA ALA A 391 2.35 -0.64 10.31
C ALA A 391 2.21 0.52 11.29
N LEU A 392 2.48 1.75 10.82
CA LEU A 392 2.33 2.91 11.69
C LEU A 392 0.89 3.06 12.17
N PHE A 393 -0.07 2.92 11.26
CA PHE A 393 -1.48 3.03 11.63
C PHE A 393 -1.87 1.95 12.61
N GLN A 394 -1.44 0.71 12.37
CA GLN A 394 -1.81 -0.38 13.27
C GLN A 394 -1.22 -0.18 14.65
N CYS A 395 0.03 0.27 14.74
CA CYS A 395 0.62 0.53 16.05
C CYS A 395 -0.11 1.66 16.77
N VAL A 396 -0.42 2.74 16.06
CA VAL A 396 -1.11 3.86 16.68
C VAL A 396 -2.48 3.43 17.18
N ALA A 397 -3.22 2.67 16.36
CA ALA A 397 -4.54 2.21 16.76
C ALA A 397 -4.48 1.28 17.95
N ALA A 398 -3.49 0.37 17.96
CA ALA A 398 -3.36 -0.55 19.09
C ALA A 398 -3.08 0.21 20.38
N VAL A 399 -2.16 1.17 20.33
CA VAL A 399 -1.85 1.94 21.54
C VAL A 399 -3.08 2.75 21.96
N PHE A 400 -3.79 3.34 21.00
CA PHE A 400 -4.97 4.14 21.31
C PHE A 400 -6.04 3.29 21.98
N ILE A 401 -6.27 2.09 21.48
CA ILE A 401 -7.23 1.18 22.11
C ILE A 401 -6.76 0.79 23.50
N ALA A 402 -5.44 0.60 23.66
CA ALA A 402 -4.92 0.27 24.98
C ALA A 402 -5.21 1.39 25.99
N GLN A 403 -5.03 2.64 25.59
CA GLN A 403 -5.36 3.74 26.51
C GLN A 403 -6.86 3.89 26.69
N LEU A 404 -7.66 3.50 25.70
CA LEU A 404 -9.11 3.56 25.86
C LEU A 404 -9.57 2.63 26.98
N SER A 405 -9.01 1.42 27.04
CA SER A 405 -9.44 0.42 28.01
C SER A 405 -8.83 0.62 29.38
N GLN A 406 -8.18 1.76 29.64
CA GLN A 406 -7.55 2.05 30.93
C GLN A 406 -6.54 0.98 31.32
N GLN A 407 -5.87 0.39 30.33
CA GLN A 407 -4.95 -0.71 30.54
C GLN A 407 -3.53 -0.24 30.25
N SER A 408 -2.64 -0.40 31.22
CA SER A 408 -1.27 0.03 31.05
C SER A 408 -0.53 -0.87 30.06
N LEU A 409 0.45 -0.30 29.38
CA LEU A 409 1.21 -1.01 28.35
C LEU A 409 2.58 -1.37 28.90
N ASP A 410 2.93 -2.65 28.82
CA ASP A 410 4.22 -3.12 29.28
C ASP A 410 5.27 -2.96 28.17
N PHE A 411 6.54 -2.99 28.60
CA PHE A 411 7.63 -2.94 27.62
C PHE A 411 7.61 -4.16 26.71
N VAL A 412 7.33 -5.33 27.28
CA VAL A 412 7.16 -6.54 26.47
C VAL A 412 5.97 -6.36 25.52
N LYS A 413 4.91 -5.71 25.99
CA LYS A 413 3.76 -5.46 25.13
C LYS A 413 4.11 -4.53 23.98
N ILE A 414 4.97 -3.53 24.24
CA ILE A 414 5.43 -2.65 23.17
C ILE A 414 6.28 -3.43 22.17
N ILE A 415 7.16 -4.30 22.67
CA ILE A 415 7.99 -5.10 21.78
C ILE A 415 7.12 -5.97 20.88
N THR A 416 6.11 -6.62 21.47
CA THR A 416 5.29 -7.53 20.68
C THR A 416 4.35 -6.78 19.75
N ILE A 417 3.88 -5.59 20.11
CA ILE A 417 3.07 -4.81 19.18
C ILE A 417 3.91 -4.39 17.98
N LEU A 418 5.15 -3.96 18.22
CA LEU A 418 6.05 -3.62 17.11
C LEU A 418 6.26 -4.82 16.21
N VAL A 419 6.64 -5.96 16.79
CA VAL A 419 6.99 -7.13 15.99
C VAL A 419 5.77 -7.63 15.23
N THR A 420 4.61 -7.70 15.88
CA THR A 420 3.41 -8.20 15.23
C THR A 420 2.97 -7.29 14.09
N ALA A 421 3.02 -5.97 14.30
CA ALA A 421 2.65 -5.05 13.23
C ALA A 421 3.58 -5.20 12.04
N THR A 422 4.89 -5.29 12.30
CA THR A 422 5.85 -5.45 11.21
C THR A 422 5.61 -6.75 10.46
N ALA A 423 5.38 -7.85 11.18
CA ALA A 423 5.22 -9.14 10.54
C ALA A 423 3.92 -9.22 9.74
N SER A 424 2.84 -8.67 10.29
CA SER A 424 1.55 -8.76 9.62
C SER A 424 1.39 -7.73 8.52
N SER A 425 2.24 -6.70 8.48
CA SER A 425 2.18 -5.75 7.36
C SER A 425 2.55 -6.42 6.05
N VAL A 426 3.38 -7.46 6.09
CA VAL A 426 3.81 -8.15 4.88
C VAL A 426 2.64 -8.92 4.28
N GLY A 427 2.48 -8.82 2.96
CA GLY A 427 1.49 -9.59 2.26
C GLY A 427 0.06 -9.26 2.61
N ALA A 428 -0.30 -7.97 2.55
CA ALA A 428 -1.67 -7.57 2.79
C ALA A 428 -2.60 -8.17 1.75
N ALA A 429 -3.82 -8.53 2.18
CA ALA A 429 -4.76 -9.16 1.28
C ALA A 429 -5.16 -8.25 0.13
N GLY A 430 -5.06 -6.93 0.31
CA GLY A 430 -5.33 -5.98 -0.73
C GLY A 430 -6.71 -5.37 -0.69
N ILE A 431 -7.65 -5.98 0.04
CA ILE A 431 -9.00 -5.44 0.16
C ILE A 431 -8.93 -4.20 1.05
N PRO A 432 -9.85 -3.24 0.91
CA PRO A 432 -9.78 -2.01 1.71
C PRO A 432 -9.80 -2.26 3.21
N ALA A 433 -10.49 -3.30 3.66
CA ALA A 433 -10.51 -3.64 5.08
C ALA A 433 -9.31 -4.49 5.48
N GLY A 434 -8.43 -4.85 4.54
CA GLY A 434 -7.35 -5.77 4.85
C GLY A 434 -6.46 -5.29 5.98
N GLY A 435 -6.17 -3.99 6.01
CA GLY A 435 -5.45 -3.45 7.14
C GLY A 435 -6.25 -3.55 8.43
N VAL A 436 -7.52 -3.17 8.37
CA VAL A 436 -8.37 -3.18 9.57
C VAL A 436 -8.46 -4.59 10.14
N LEU A 437 -8.80 -5.57 9.29
CA LEU A 437 -8.81 -6.95 9.73
C LEU A 437 -7.48 -7.32 10.37
N THR A 438 -6.38 -6.86 9.77
CA THR A 438 -5.05 -7.13 10.31
C THR A 438 -4.98 -6.72 11.78
N LEU A 439 -5.47 -5.52 12.09
CA LEU A 439 -5.42 -5.02 13.46
C LEU A 439 -6.10 -6.01 14.41
N ALA A 440 -7.19 -6.62 13.96
CA ALA A 440 -7.87 -7.64 14.75
C ALA A 440 -6.92 -8.74 15.17
N ILE A 441 -6.20 -9.34 14.22
CA ILE A 441 -5.21 -10.36 14.57
C ILE A 441 -4.19 -9.77 15.53
N ILE A 442 -3.78 -8.53 15.30
CA ILE A 442 -2.87 -7.88 16.22
C ILE A 442 -3.48 -7.80 17.61
N LEU A 443 -4.74 -7.38 17.69
CA LEU A 443 -5.39 -7.31 18.99
C LEU A 443 -5.72 -8.68 19.55
N GLU A 444 -5.56 -9.73 18.75
CA GLU A 444 -5.62 -11.08 19.25
C GLU A 444 -4.25 -11.64 19.60
N ALA A 445 -3.17 -11.03 19.09
CA ALA A 445 -1.84 -11.42 19.50
C ALA A 445 -1.56 -11.02 20.94
N VAL A 446 -1.96 -9.81 21.31
CA VAL A 446 -1.88 -9.32 22.69
C VAL A 446 -3.30 -9.01 23.14
N ASN A 447 -3.67 -9.51 24.33
CA ASN A 447 -5.05 -9.48 24.76
C ASN A 447 -5.57 -8.06 24.99
N LEU A 448 -6.37 -7.58 24.05
CA LEU A 448 -7.07 -6.30 24.13
C LEU A 448 -8.43 -6.45 23.49
N PRO A 449 -9.41 -5.67 23.94
CA PRO A 449 -10.76 -5.78 23.35
C PRO A 449 -10.75 -5.41 21.87
N VAL A 450 -11.62 -6.05 21.10
CA VAL A 450 -11.66 -5.84 19.66
C VAL A 450 -12.96 -5.17 19.19
N ASP A 451 -13.85 -4.80 20.11
CA ASP A 451 -15.08 -4.11 19.71
C ASP A 451 -14.78 -2.68 19.26
N HIS A 452 -13.79 -2.03 19.88
CA HIS A 452 -13.53 -0.63 19.62
C HIS A 452 -13.16 -0.37 18.16
N ILE A 453 -12.78 -1.41 17.41
CA ILE A 453 -12.55 -1.26 15.98
C ILE A 453 -13.69 -0.50 15.32
N SER A 454 -14.90 -0.59 15.88
CA SER A 454 -16.03 0.11 15.31
C SER A 454 -15.73 1.59 15.10
N LEU A 455 -15.23 2.28 16.13
CA LEU A 455 -14.99 3.71 15.97
C LEU A 455 -13.84 3.95 15.00
N ILE A 456 -12.87 3.03 14.96
CA ILE A 456 -11.79 3.13 13.99
C ILE A 456 -12.35 3.04 12.58
N LEU A 457 -13.42 2.27 12.40
CA LEU A 457 -14.05 2.18 11.08
C LEU A 457 -14.70 3.49 10.67
N ALA A 458 -14.94 4.40 11.62
CA ALA A 458 -15.63 5.64 11.28
C ALA A 458 -14.79 6.54 10.38
N VAL A 459 -13.46 6.45 10.46
CA VAL A 459 -12.57 7.35 9.74
C VAL A 459 -11.55 6.61 8.89
N ASP A 460 -11.68 5.28 8.75
CA ASP A 460 -10.67 4.50 8.05
C ASP A 460 -10.50 4.94 6.60
N TRP A 461 -11.52 5.59 6.02
CA TRP A 461 -11.45 5.98 4.61
C TRP A 461 -10.29 6.93 4.34
N LEU A 462 -9.93 7.78 5.31
CA LEU A 462 -8.84 8.73 5.17
C LEU A 462 -7.52 8.20 5.67
N VAL A 463 -7.54 7.45 6.78
CA VAL A 463 -6.32 6.89 7.31
C VAL A 463 -5.73 5.87 6.34
N ASP A 464 -6.59 5.11 5.66
CA ASP A 464 -6.08 4.14 4.67
C ASP A 464 -5.37 4.84 3.52
N ARG A 465 -5.92 5.96 3.05
CA ARG A 465 -5.28 6.71 1.98
C ARG A 465 -3.94 7.28 2.45
N SER A 466 -3.91 7.83 3.67
CA SER A 466 -2.65 8.34 4.22
C SER A 466 -1.64 7.21 4.35
N CYS A 467 -2.09 6.01 4.68
CA CYS A 467 -1.19 4.86 4.74
C CYS A 467 -0.65 4.51 3.37
N THR A 468 -1.52 4.50 2.35
CA THR A 468 -1.11 4.10 1.01
C THR A 468 -0.06 5.05 0.45
N VAL A 469 -0.22 6.35 0.69
CA VAL A 469 0.77 7.31 0.22
C VAL A 469 2.15 6.94 0.75
N LEU A 470 2.23 6.66 2.05
CA LEU A 470 3.51 6.31 2.66
C LEU A 470 4.03 4.97 2.15
N ASN A 471 3.13 4.00 1.95
CA ASN A 471 3.54 2.70 1.44
C ASN A 471 4.25 2.84 0.10
N VAL A 472 3.67 3.62 -0.82
CA VAL A 472 4.30 3.73 -2.13
C VAL A 472 5.52 4.66 -2.11
N GLU A 473 5.52 5.67 -1.25
CA GLU A 473 6.68 6.55 -1.15
C GLU A 473 7.90 5.79 -0.65
N GLY A 474 7.72 4.91 0.33
CA GLY A 474 8.83 4.10 0.79
C GLY A 474 9.42 3.24 -0.33
N ASP A 475 8.55 2.65 -1.15
CA ASP A 475 8.99 1.89 -2.30
C ASP A 475 9.86 2.73 -3.23
N ALA A 476 9.38 3.92 -3.58
CA ALA A 476 10.11 4.76 -4.52
C ALA A 476 11.47 5.16 -3.96
N LEU A 477 11.50 5.59 -2.69
CA LEU A 477 12.76 6.02 -2.10
C LEU A 477 13.73 4.84 -1.98
N GLY A 478 13.23 3.66 -1.66
CA GLY A 478 14.10 2.49 -1.62
C GLY A 478 14.66 2.12 -2.98
N ALA A 479 13.84 2.24 -4.02
CA ALA A 479 14.35 1.99 -5.37
C ALA A 479 15.47 2.96 -5.72
N GLY A 480 15.27 4.25 -5.41
CA GLY A 480 16.33 5.21 -5.66
C GLY A 480 17.59 4.93 -4.86
N LEU A 481 17.42 4.56 -3.59
CA LEU A 481 18.57 4.25 -2.75
C LEU A 481 19.35 3.06 -3.29
N LEU A 482 18.65 2.00 -3.70
CA LEU A 482 19.34 0.84 -4.24
C LEU A 482 20.00 1.14 -5.57
N GLN A 483 19.37 1.99 -6.39
CA GLN A 483 20.00 2.40 -7.64
C GLN A 483 21.30 3.14 -7.38
N ASN A 484 21.31 4.02 -6.38
CA ASN A 484 22.55 4.70 -6.01
C ASN A 484 23.57 3.71 -5.47
N TYR A 485 23.12 2.72 -4.70
CA TYR A 485 24.04 1.71 -4.15
C TYR A 485 24.74 0.95 -5.26
N VAL A 486 23.99 0.58 -6.31
CA VAL A 486 24.61 -0.10 -7.44
C VAL A 486 25.63 0.82 -8.12
N ASP A 487 25.28 2.09 -8.28
CA ASP A 487 26.20 3.09 -8.82
C ASP A 487 27.33 3.27 -7.82
NA NA B . 4.35 -0.95 -0.74
#